data_1SNG
#
_entry.id   1SNG
#
_cell.length_a   45.354
_cell.length_b   81.171
_cell.length_c   106.625
_cell.angle_alpha   90.00
_cell.angle_beta   90.00
_cell.angle_gamma   90.00
#
_symmetry.space_group_name_H-M   'P 21 21 21'
#
loop_
_entity.id
_entity.type
_entity.pdbx_description
1 polymer 'COG4826: Serine protease inhibitor'
2 non-polymer 'SULFATE ION'
3 water water
#
_entity_poly.entity_id   1
_entity_poly.type   'polypeptide(L)'
_entity_poly.pdbx_seq_one_letter_code
;GSVSMSGGFLRDDHLEFALHLHRRLAEAVPDGEVIWSPYSVA(CAF)ALGVLAAGARATTRTELTTLLGTDPAPLLAALD
RAVTDSPDLASRTVLWVSADVPVRSSFRATMHDRPDSDVRTADFRTNPEGVRATVNADIADATRGMIRELLPQGAVTPDL
RAILTNALWAKARWTTPFEAHLTRAGTFRTPRGPKRVPFMHRTKTMPYATARGWRMVTLHAHDELAVDVLLPPGTNAAAV
PTAPLLTALHRRSASTSVELALPRFELTQPHQLVEVLAEAGVRTLFTASADLSGISTVPLYVDTVIHQARLRVDERGAEG
AAATAAMMLLAGAMPPRRTIRFSVDRPFHIVVRRRGAILFLGSIADPHDPGPAQ
;
_entity_poly.pdbx_strand_id   A
#
# COMPACT_ATOMS: atom_id res chain seq x y z
N GLY A 1 23.53 -15.21 -4.94
CA GLY A 1 24.20 -14.38 -3.89
C GLY A 1 24.00 -14.97 -2.51
N SER A 2 24.64 -14.37 -1.49
CA SER A 2 24.45 -14.81 -0.11
C SER A 2 23.00 -14.57 0.32
N VAL A 3 22.55 -15.33 1.32
CA VAL A 3 21.14 -15.30 1.71
C VAL A 3 20.93 -14.53 3.00
N SER A 4 19.68 -14.16 3.26
CA SER A 4 19.32 -13.54 4.52
C SER A 4 18.99 -14.61 5.54
N MET A 5 19.58 -14.49 6.73
CA MET A 5 19.30 -15.41 7.84
C MET A 5 18.36 -14.76 8.86
N SER A 6 17.90 -13.54 8.57
CA SER A 6 17.05 -12.78 9.48
C SER A 6 15.67 -12.46 8.88
N GLY A 7 15.30 -13.15 7.80
CA GLY A 7 13.95 -13.07 7.24
C GLY A 7 13.84 -12.37 5.90
N GLY A 8 14.93 -11.77 5.44
CA GLY A 8 14.93 -11.02 4.19
C GLY A 8 14.44 -9.61 4.39
N PHE A 9 14.68 -8.77 3.39
CA PHE A 9 14.25 -7.38 3.42
C PHE A 9 13.89 -6.94 1.99
N LEU A 10 13.66 -5.64 1.82
CA LEU A 10 13.03 -5.11 0.63
C LEU A 10 14.02 -4.97 -0.53
N ARG A 11 13.51 -5.15 -1.75
CA ARG A 11 14.23 -4.78 -2.97
C ARG A 11 14.61 -3.29 -2.89
N ASP A 12 15.86 -2.99 -3.21
CA ASP A 12 16.36 -1.60 -3.13
C ASP A 12 15.50 -0.60 -3.92
N ASP A 13 15.25 -0.88 -5.19
CA ASP A 13 14.51 0.07 -6.04
C ASP A 13 13.05 0.24 -5.60
N HIS A 14 12.46 -0.82 -5.05
CA HIS A 14 11.10 -0.75 -4.52
C HIS A 14 11.04 0.10 -3.25
N LEU A 15 12.00 -0.09 -2.35
CA LEU A 15 12.13 0.70 -1.14
C LEU A 15 12.24 2.19 -1.47
N GLU A 16 13.13 2.51 -2.40
CA GLU A 16 13.33 3.91 -2.82
C GLU A 16 12.05 4.48 -3.44
N PHE A 17 11.45 3.74 -4.36
CA PHE A 17 10.18 4.16 -4.96
C PHE A 17 9.12 4.42 -3.90
N ALA A 18 8.94 3.47 -2.99
CA ALA A 18 7.88 3.54 -2.00
C ALA A 18 8.02 4.75 -1.08
N LEU A 19 9.22 4.96 -0.56
CA LEU A 19 9.43 6.02 0.43
C LEU A 19 9.44 7.41 -0.21
N HIS A 20 9.87 7.50 -1.47
CA HIS A 20 9.80 8.77 -2.20
C HIS A 20 8.35 9.18 -2.42
N LEU A 21 7.52 8.25 -2.90
CA LEU A 21 6.10 8.56 -3.11
C LEU A 21 5.38 8.80 -1.77
N HIS A 22 5.76 8.05 -0.73
CA HIS A 22 5.12 8.22 0.57
C HIS A 22 5.30 9.64 1.11
N ARG A 23 6.51 10.19 0.95
CA ARG A 23 6.78 11.56 1.39
C ARG A 23 5.82 12.54 0.72
N ARG A 24 5.60 12.35 -0.58
CA ARG A 24 4.71 13.23 -1.33
C ARG A 24 3.26 13.08 -0.89
N LEU A 25 2.84 11.84 -0.62
CA LEU A 25 1.48 11.58 -0.14
C LEU A 25 1.26 12.20 1.23
N ALA A 26 2.23 12.04 2.13
CA ALA A 26 2.13 12.58 3.49
C ALA A 26 2.10 14.10 3.50
N GLU A 27 2.91 14.73 2.65
CA GLU A 27 2.95 16.19 2.59
C GLU A 27 1.65 16.78 2.04
N ALA A 28 0.89 15.98 1.30
CA ALA A 28 -0.34 16.42 0.67
C ALA A 28 -1.53 16.55 1.63
N VAL A 29 -1.39 16.02 2.84
CA VAL A 29 -2.46 16.07 3.85
C VAL A 29 -1.94 16.69 5.15
N PRO A 30 -2.76 17.54 5.83
CA PRO A 30 -2.31 18.35 6.96
C PRO A 30 -1.50 17.63 8.03
N ASP A 31 -2.05 16.55 8.57
CA ASP A 31 -1.38 15.83 9.66
C ASP A 31 -0.62 14.59 9.17
N GLY A 32 -0.44 14.49 7.86
CA GLY A 32 0.42 13.47 7.28
C GLY A 32 -0.07 12.04 7.46
N GLU A 33 -1.37 11.87 7.68
CA GLU A 33 -1.94 10.54 7.84
C GLU A 33 -2.28 9.91 6.49
N VAL A 34 -1.58 8.80 6.19
CA VAL A 34 -1.65 8.17 4.87
C VAL A 34 -1.57 6.66 5.03
N ILE A 35 -2.36 5.93 4.24
CA ILE A 35 -2.09 4.51 4.03
C ILE A 35 -2.29 4.17 2.55
N TRP A 36 -1.43 3.30 2.05
CA TRP A 36 -1.48 2.83 0.66
C TRP A 36 -0.61 1.59 0.54
N SER A 37 -0.65 0.97 -0.64
CA SER A 37 0.15 -0.21 -0.93
C SER A 37 1.17 0.06 -2.03
N PRO A 38 2.45 0.20 -1.64
CA PRO A 38 3.50 0.28 -2.65
C PRO A 38 3.50 -0.94 -3.59
N TYR A 39 3.18 -2.11 -3.07
CA TYR A 39 3.04 -3.30 -3.90
C TYR A 39 2.05 -3.05 -5.03
N SER A 40 0.84 -2.63 -4.66
CA SER A 40 -0.26 -2.48 -5.61
C SER A 40 0.06 -1.41 -6.66
N VAL A 41 0.57 -0.28 -6.20
CA VAL A 41 0.86 0.83 -7.09
C VAL A 41 2.05 0.53 -8.01
N ALA A 42 3.12 -0.04 -7.47
CA ALA A 42 4.26 -0.47 -8.29
C ALA A 42 3.85 -1.46 -9.36
N ALA A 44 0.78 -1.96 -10.63
CA ALA A 44 -0.06 -1.24 -11.61
C ALA A 44 0.79 -0.41 -12.58
N LEU A 45 1.72 0.36 -12.04
CA LEU A 45 2.60 1.20 -12.85
C LEU A 45 3.52 0.37 -13.73
N GLY A 46 3.96 -0.79 -13.22
CA GLY A 46 4.82 -1.70 -13.97
C GLY A 46 4.09 -2.27 -15.17
N VAL A 47 2.84 -2.69 -14.96
CA VAL A 47 1.99 -3.20 -16.04
C VAL A 47 1.75 -2.12 -17.10
N LEU A 48 1.42 -0.91 -16.68
CA LEU A 48 1.25 0.19 -17.62
C LEU A 48 2.56 0.48 -18.36
N ALA A 49 3.68 0.39 -17.66
CA ALA A 49 5.00 0.56 -18.28
C ALA A 49 5.27 -0.48 -19.37
N ALA A 50 4.82 -1.70 -19.14
CA ALA A 50 4.96 -2.76 -20.14
C ALA A 50 4.21 -2.44 -21.44
N GLY A 51 3.08 -1.74 -21.31
CA GLY A 51 2.30 -1.31 -22.47
C GLY A 51 2.63 0.08 -23.01
N ALA A 52 3.55 0.77 -22.35
CA ALA A 52 3.96 2.14 -22.74
C ALA A 52 5.21 2.13 -23.60
N ARG A 53 5.43 3.21 -24.35
CA ARG A 53 6.65 3.39 -25.14
C ARG A 53 7.20 4.80 -24.98
N ALA A 54 8.42 5.01 -25.49
CA ALA A 54 9.01 6.35 -25.57
C ALA A 54 9.02 7.07 -24.21
N THR A 55 8.71 8.36 -24.18
CA THR A 55 8.76 9.18 -22.97
C THR A 55 7.80 8.69 -21.88
N THR A 56 6.65 8.16 -22.29
CA THR A 56 5.67 7.64 -21.33
C THR A 56 6.27 6.47 -20.54
N ARG A 57 6.94 5.56 -21.24
CA ARG A 57 7.60 4.42 -20.61
CA ARG A 57 7.60 4.42 -20.61
C ARG A 57 8.78 4.87 -19.75
N THR A 58 9.58 5.79 -20.27
CA THR A 58 10.77 6.28 -19.58
C THR A 58 10.44 6.91 -18.24
N GLU A 59 9.39 7.74 -18.21
CA GLU A 59 8.96 8.37 -16.97
C GLU A 59 8.59 7.31 -15.92
N LEU A 60 7.94 6.25 -16.36
CA LEU A 60 7.52 5.17 -15.46
C LEU A 60 8.71 4.38 -14.93
N THR A 61 9.63 3.98 -15.81
CA THR A 61 10.79 3.20 -15.40
C THR A 61 11.76 4.02 -14.54
N THR A 62 11.80 5.33 -14.75
CA THR A 62 12.59 6.23 -13.90
C THR A 62 12.00 6.27 -12.48
N LEU A 63 10.68 6.38 -12.38
CA LEU A 63 10.02 6.40 -11.07
C LEU A 63 10.23 5.08 -10.34
N LEU A 64 10.03 3.97 -11.04
CA LEU A 64 10.18 2.64 -10.44
C LEU A 64 11.65 2.27 -10.19
N GLY A 65 12.55 2.89 -10.96
CA GLY A 65 13.98 2.60 -10.84
C GLY A 65 14.39 1.29 -11.50
N THR A 66 13.55 0.77 -12.38
CA THR A 66 13.81 -0.48 -13.07
C THR A 66 12.84 -0.70 -14.22
N ASP A 67 13.21 -1.56 -15.17
CA ASP A 67 12.30 -2.00 -16.22
C ASP A 67 11.20 -2.85 -15.59
N PRO A 68 10.01 -2.84 -16.20
CA PRO A 68 8.85 -3.51 -15.60
C PRO A 68 8.99 -5.03 -15.46
N ALA A 69 9.49 -5.69 -16.51
CA ALA A 69 9.51 -7.16 -16.56
C ALA A 69 10.09 -7.82 -15.30
N PRO A 70 11.35 -7.49 -14.93
CA PRO A 70 11.92 -8.08 -13.72
C PRO A 70 11.22 -7.66 -12.43
N LEU A 71 10.64 -6.46 -12.42
CA LEU A 71 9.94 -5.96 -11.24
C LEU A 71 8.65 -6.74 -10.99
N LEU A 72 7.87 -6.95 -12.05
CA LEU A 72 6.58 -7.64 -11.93
C LEU A 72 6.75 -9.08 -11.50
N ALA A 73 7.75 -9.76 -12.07
CA ALA A 73 8.08 -11.12 -11.67
C ALA A 73 8.31 -11.19 -10.16
N ALA A 74 9.11 -10.27 -9.64
CA ALA A 74 9.40 -10.22 -8.21
C ALA A 74 8.18 -9.84 -7.36
N LEU A 75 7.36 -8.92 -7.86
CA LEU A 75 6.20 -8.44 -7.10
C LEU A 75 5.12 -9.51 -6.93
N ASP A 76 4.89 -10.33 -7.95
CA ASP A 76 3.85 -11.37 -7.88
C ASP A 76 3.98 -12.20 -6.62
N ARG A 77 5.21 -12.62 -6.32
CA ARG A 77 5.48 -13.48 -5.15
C ARG A 77 5.06 -12.83 -3.84
N ALA A 78 5.08 -11.50 -3.79
CA ALA A 78 4.77 -10.78 -2.56
C ALA A 78 3.36 -11.04 -2.03
N VAL A 79 2.43 -11.42 -2.90
CA VAL A 79 1.04 -11.63 -2.48
C VAL A 79 0.51 -13.06 -2.67
N THR A 80 1.27 -13.94 -3.31
CA THR A 80 0.81 -15.31 -3.54
C THR A 80 0.88 -16.16 -2.27
N ASP A 81 0.03 -17.17 -2.19
CA ASP A 81 -0.07 -18.05 -1.02
C ASP A 81 -0.22 -17.27 0.28
N SER A 82 -1.11 -16.27 0.24
CA SER A 82 -1.38 -15.43 1.40
C SER A 82 -2.88 -15.36 1.64
N PRO A 83 -3.41 -16.26 2.48
CA PRO A 83 -4.86 -16.34 2.71
C PRO A 83 -5.51 -15.11 3.34
N ASP A 84 -4.74 -14.26 4.02
CA ASP A 84 -5.26 -13.10 4.76
CA ASP A 84 -5.32 -13.12 4.72
C ASP A 84 -5.26 -11.83 3.90
N LEU A 85 -4.92 -11.96 2.61
CA LEU A 85 -4.83 -10.85 1.70
CA LEU A 85 -4.84 -10.83 1.69
C LEU A 85 -6.00 -10.87 0.71
N ALA A 86 -6.43 -9.70 0.27
CA ALA A 86 -7.40 -9.61 -0.83
C ALA A 86 -6.96 -8.48 -1.74
N SER A 87 -6.62 -8.83 -2.98
CA SER A 87 -6.07 -7.91 -3.96
C SER A 87 -6.96 -7.89 -5.21
N ARG A 88 -7.12 -6.72 -5.82
CA ARG A 88 -7.84 -6.62 -7.09
C ARG A 88 -7.35 -5.44 -7.91
N THR A 89 -7.07 -5.69 -9.20
CA THR A 89 -6.73 -4.62 -10.14
C THR A 89 -7.49 -4.83 -11.44
N VAL A 90 -8.11 -3.76 -11.93
CA VAL A 90 -8.74 -3.80 -13.24
C VAL A 90 -8.42 -2.52 -14.01
N LEU A 91 -7.99 -2.68 -15.25
CA LEU A 91 -7.98 -1.58 -16.21
C LEU A 91 -9.31 -1.62 -16.94
N TRP A 92 -10.15 -0.62 -16.69
CA TRP A 92 -11.45 -0.50 -17.35
C TRP A 92 -11.27 0.38 -18.56
N VAL A 93 -11.60 -0.17 -19.74
CA VAL A 93 -11.39 0.52 -21.01
CA VAL A 93 -11.40 0.54 -21.00
C VAL A 93 -12.71 0.66 -21.78
N SER A 94 -12.87 1.79 -22.45
CA SER A 94 -14.05 2.02 -23.28
CA SER A 94 -14.06 2.01 -23.27
C SER A 94 -14.19 0.90 -24.30
N ALA A 95 -15.44 0.50 -24.58
CA ALA A 95 -15.71 -0.56 -25.54
C ALA A 95 -15.20 -0.20 -26.93
N ASP A 96 -15.10 1.09 -27.21
CA ASP A 96 -14.64 1.58 -28.50
C ASP A 96 -13.12 1.46 -28.70
N VAL A 97 -12.39 1.17 -27.61
CA VAL A 97 -10.93 1.07 -27.66
C VAL A 97 -10.47 -0.39 -27.60
N PRO A 98 -9.83 -0.87 -28.68
CA PRO A 98 -9.36 -2.26 -28.69
C PRO A 98 -8.10 -2.42 -27.86
N VAL A 99 -7.98 -3.55 -27.16
CA VAL A 99 -6.84 -3.83 -26.30
C VAL A 99 -6.05 -5.01 -26.88
N ARG A 100 -4.74 -4.85 -26.96
CA ARG A 100 -3.86 -5.89 -27.51
C ARG A 100 -3.84 -7.13 -26.62
N SER A 101 -3.82 -8.30 -27.25
CA SER A 101 -3.81 -9.58 -26.53
C SER A 101 -2.57 -9.72 -25.65
N SER A 102 -1.43 -9.26 -26.14
CA SER A 102 -0.19 -9.31 -25.36
C SER A 102 -0.29 -8.49 -24.08
N PHE A 103 -1.01 -7.37 -24.12
CA PHE A 103 -1.22 -6.58 -22.92
C PHE A 103 -2.18 -7.25 -21.95
N ARG A 104 -3.28 -7.80 -22.48
CA ARG A 104 -4.18 -8.61 -21.67
C ARG A 104 -3.41 -9.72 -20.95
N ALA A 105 -2.46 -10.33 -21.65
CA ALA A 105 -1.64 -11.40 -21.08
C ALA A 105 -0.78 -10.89 -19.94
N THR A 106 -0.13 -9.75 -20.13
CA THR A 106 0.70 -9.13 -19.09
C THR A 106 -0.11 -8.87 -17.82
N MET A 107 -1.32 -8.35 -17.99
CA MET A 107 -2.20 -8.11 -16.86
C MET A 107 -2.61 -9.44 -16.22
N HIS A 108 -2.96 -10.43 -17.05
CA HIS A 108 -3.41 -11.73 -16.54
C HIS A 108 -2.36 -12.50 -15.76
N ASP A 109 -1.09 -12.24 -16.06
CA ASP A 109 0.03 -12.92 -15.38
C ASP A 109 0.16 -12.46 -13.93
N ARG A 110 -0.48 -11.35 -13.59
CA ARG A 110 -0.47 -10.81 -12.24
C ARG A 110 -1.62 -11.43 -11.48
N PRO A 111 -1.49 -11.59 -10.15
CA PRO A 111 -2.60 -12.20 -9.43
C PRO A 111 -3.83 -11.29 -9.38
N ASP A 112 -4.99 -11.87 -9.67
CA ASP A 112 -6.29 -11.21 -9.48
C ASP A 112 -6.35 -9.86 -10.20
N SER A 113 -5.92 -9.86 -11.45
CA SER A 113 -5.87 -8.65 -12.26
C SER A 113 -6.50 -8.92 -13.62
N ASP A 114 -7.17 -7.90 -14.18
CA ASP A 114 -7.88 -8.08 -15.44
C ASP A 114 -7.99 -6.78 -16.21
N VAL A 115 -8.34 -6.89 -17.49
CA VAL A 115 -8.69 -5.75 -18.32
C VAL A 115 -10.14 -5.97 -18.72
N ARG A 116 -11.01 -5.00 -18.42
CA ARG A 116 -12.44 -5.13 -18.68
C ARG A 116 -12.98 -3.98 -19.52
N THR A 117 -14.06 -4.26 -20.25
CA THR A 117 -14.71 -3.26 -21.08
C THR A 117 -15.79 -2.57 -20.28
N ALA A 118 -15.90 -1.25 -20.47
CA ALA A 118 -16.93 -0.46 -19.83
C ALA A 118 -17.49 0.55 -20.82
N ASP A 119 -18.80 0.65 -20.90
CA ASP A 119 -19.44 1.65 -21.76
CA ASP A 119 -19.45 1.64 -21.75
C ASP A 119 -19.60 2.94 -20.97
N PHE A 120 -18.50 3.68 -20.85
CA PHE A 120 -18.50 4.95 -20.11
C PHE A 120 -19.50 5.93 -20.70
N ARG A 121 -19.56 5.97 -22.03
CA ARG A 121 -20.33 6.97 -22.75
C ARG A 121 -21.84 6.86 -22.54
N THR A 122 -22.35 5.63 -22.52
CA THR A 122 -23.81 5.41 -22.47
C THR A 122 -24.39 5.31 -21.05
N ASN A 123 -23.63 4.81 -20.09
CA ASN A 123 -24.11 4.71 -18.71
C ASN A 123 -23.01 4.81 -17.65
N PRO A 124 -22.59 6.05 -17.33
CA PRO A 124 -21.53 6.30 -16.34
C PRO A 124 -21.82 5.74 -14.95
N GLU A 125 -23.04 5.92 -14.45
CA GLU A 125 -23.40 5.44 -13.12
C GLU A 125 -23.50 3.92 -13.06
N GLY A 126 -23.91 3.32 -14.18
CA GLY A 126 -23.93 1.87 -14.31
C GLY A 126 -22.51 1.32 -14.26
N VAL A 127 -21.59 1.99 -14.96
CA VAL A 127 -20.18 1.63 -14.93
C VAL A 127 -19.63 1.77 -13.52
N ARG A 128 -19.93 2.89 -12.85
CA ARG A 128 -19.49 3.07 -11.46
C ARG A 128 -19.93 1.92 -10.57
N ALA A 129 -21.19 1.50 -10.70
CA ALA A 129 -21.74 0.41 -9.90
C ALA A 129 -21.02 -0.90 -10.17
N THR A 130 -20.74 -1.16 -11.46
CA THR A 130 -20.03 -2.37 -11.86
C THR A 130 -18.60 -2.37 -11.33
N VAL A 131 -17.91 -1.25 -11.49
CA VAL A 131 -16.53 -1.13 -10.99
C VAL A 131 -16.50 -1.34 -9.49
N ASN A 132 -17.36 -0.64 -8.77
CA ASN A 132 -17.39 -0.72 -7.31
C ASN A 132 -17.74 -2.12 -6.79
N ALA A 133 -18.71 -2.76 -7.45
CA ALA A 133 -19.10 -4.12 -7.08
C ALA A 133 -17.97 -5.13 -7.34
N ASP A 134 -17.19 -4.89 -8.38
CA ASP A 134 -16.05 -5.74 -8.73
CA ASP A 134 -16.06 -5.76 -8.72
C ASP A 134 -15.00 -5.70 -7.61
N ILE A 135 -14.64 -4.48 -7.20
CA ILE A 135 -13.66 -4.29 -6.13
C ILE A 135 -14.21 -4.79 -4.80
N ALA A 136 -15.49 -4.52 -4.54
CA ALA A 136 -16.14 -4.92 -3.29
C ALA A 136 -16.04 -6.42 -3.08
N ASP A 137 -16.48 -7.19 -4.08
CA ASP A 137 -16.49 -8.64 -3.96
C ASP A 137 -15.08 -9.21 -3.84
N ALA A 138 -14.16 -8.71 -4.66
CA ALA A 138 -12.78 -9.19 -4.66
C ALA A 138 -12.05 -8.89 -3.36
N THR A 139 -12.45 -7.82 -2.66
CA THR A 139 -11.86 -7.48 -1.36
C THR A 139 -12.69 -8.01 -0.19
N ARG A 140 -13.54 -8.99 -0.46
CA ARG A 140 -14.38 -9.62 0.58
C ARG A 140 -15.23 -8.60 1.32
N GLY A 141 -15.75 -7.61 0.58
CA GLY A 141 -16.65 -6.60 1.12
C GLY A 141 -15.98 -5.50 1.92
N MET A 142 -14.64 -5.42 1.84
CA MET A 142 -13.90 -4.50 2.71
C MET A 142 -13.64 -3.14 2.07
N ILE A 143 -13.70 -3.06 0.73
CA ILE A 143 -13.64 -1.77 0.04
C ILE A 143 -14.86 -1.73 -0.90
N ARG A 144 -15.93 -1.09 -0.43
CA ARG A 144 -17.25 -1.26 -1.06
C ARG A 144 -17.64 -0.21 -2.09
N GLU A 145 -17.10 1.00 -1.98
CA GLU A 145 -17.41 2.07 -2.92
C GLU A 145 -16.16 2.85 -3.27
N LEU A 146 -15.26 2.18 -4.00
CA LEU A 146 -13.98 2.78 -4.38
C LEU A 146 -14.17 4.13 -5.06
N LEU A 147 -15.06 4.15 -6.05
CA LEU A 147 -15.32 5.35 -6.83
C LEU A 147 -16.53 6.07 -6.28
N PRO A 148 -16.36 7.33 -5.86
CA PRO A 148 -17.49 8.08 -5.34
C PRO A 148 -18.38 8.57 -6.47
N GLN A 149 -19.60 8.97 -6.13
CA GLN A 149 -20.53 9.49 -7.12
C GLN A 149 -19.90 10.68 -7.84
N GLY A 150 -20.05 10.70 -9.16
CA GLY A 150 -19.50 11.77 -9.98
C GLY A 150 -18.09 11.54 -10.50
N ALA A 151 -17.44 10.46 -10.05
CA ALA A 151 -16.09 10.12 -10.49
C ALA A 151 -16.09 9.57 -11.91
N VAL A 152 -17.17 8.91 -12.31
CA VAL A 152 -17.26 8.35 -13.66
C VAL A 152 -18.13 9.26 -14.54
N THR A 153 -17.55 9.71 -15.65
CA THR A 153 -18.21 10.60 -16.59
C THR A 153 -18.13 10.01 -17.99
N PRO A 154 -18.99 10.47 -18.92
CA PRO A 154 -19.07 9.81 -20.23
C PRO A 154 -17.83 9.91 -21.13
N ASP A 155 -16.94 10.85 -20.84
CA ASP A 155 -15.75 11.10 -21.66
C ASP A 155 -14.56 10.19 -21.37
N LEU A 156 -14.62 9.42 -20.28
CA LEU A 156 -13.51 8.55 -19.89
C LEU A 156 -13.32 7.41 -20.88
N ARG A 157 -12.07 6.97 -21.02
CA ARG A 157 -11.74 5.84 -21.88
C ARG A 157 -10.86 4.79 -21.22
N ALA A 158 -10.17 5.13 -20.15
CA ALA A 158 -9.30 4.17 -19.46
C ALA A 158 -9.00 4.62 -18.04
N ILE A 159 -9.49 3.84 -17.09
CA ILE A 159 -9.18 4.08 -15.68
C ILE A 159 -8.65 2.78 -15.08
N LEU A 160 -7.62 2.91 -14.25
CA LEU A 160 -7.09 1.75 -13.52
CA LEU A 160 -7.08 1.77 -13.52
C LEU A 160 -7.53 1.86 -12.08
N THR A 161 -8.25 0.84 -11.62
CA THR A 161 -8.72 0.79 -10.25
C THR A 161 -8.03 -0.37 -9.56
N ASN A 162 -7.52 -0.14 -8.36
CA ASN A 162 -6.86 -1.18 -7.59
C ASN A 162 -7.18 -1.06 -6.10
N ALA A 163 -7.18 -2.19 -5.42
CA ALA A 163 -7.43 -2.22 -3.99
C ALA A 163 -6.65 -3.34 -3.33
N LEU A 164 -6.33 -3.14 -2.05
CA LEU A 164 -5.71 -4.18 -1.25
C LEU A 164 -6.24 -4.13 0.18
N TRP A 165 -6.66 -5.28 0.67
CA TRP A 165 -7.11 -5.44 2.05
C TRP A 165 -6.30 -6.53 2.74
N ALA A 166 -6.00 -6.34 4.01
CA ALA A 166 -5.37 -7.37 4.80
C ALA A 166 -5.57 -7.16 6.29
N LYS A 167 -5.52 -8.27 7.01
CA LYS A 167 -5.49 -8.29 8.46
C LYS A 167 -4.25 -9.10 8.83
N ALA A 168 -3.42 -8.57 9.72
CA ALA A 168 -2.17 -9.24 10.09
C ALA A 168 -2.38 -10.25 11.21
N ARG A 169 -2.17 -11.53 10.91
CA ARG A 169 -2.36 -12.60 11.88
C ARG A 169 -1.05 -12.91 12.60
N TRP A 170 -0.88 -12.34 13.79
CA TRP A 170 0.40 -12.42 14.51
C TRP A 170 0.76 -13.87 14.83
N THR A 171 2.05 -14.17 14.80
CA THR A 171 2.55 -15.48 15.19
C THR A 171 2.26 -15.71 16.67
N THR A 172 2.41 -14.66 17.47
CA THR A 172 2.03 -14.67 18.87
C THR A 172 0.97 -13.58 19.04
N PRO A 173 -0.31 -13.96 19.21
N PRO A 173 -0.30 -13.97 19.22
CA PRO A 173 -1.35 -12.94 19.35
CA PRO A 173 -1.33 -12.92 19.35
C PRO A 173 -1.19 -12.12 20.64
N PHE A 174 -1.73 -10.91 20.63
CA PHE A 174 -1.84 -10.11 21.84
C PHE A 174 -2.96 -10.75 22.65
N GLU A 175 -2.80 -10.81 23.97
CA GLU A 175 -3.88 -11.31 24.83
C GLU A 175 -4.94 -10.22 24.93
N ALA A 176 -6.14 -10.49 24.44
CA ALA A 176 -7.19 -9.48 24.31
C ALA A 176 -7.62 -8.86 25.64
N HIS A 177 -7.53 -9.64 26.72
CA HIS A 177 -7.92 -9.14 28.04
C HIS A 177 -6.90 -8.15 28.63
N LEU A 178 -5.72 -8.08 28.02
CA LEU A 178 -4.68 -7.12 28.44
C LEU A 178 -4.74 -5.81 27.64
N THR A 179 -5.66 -5.73 26.70
CA THR A 179 -5.88 -4.48 25.97
C THR A 179 -6.60 -3.52 26.91
N ARG A 180 -6.03 -2.33 27.07
CA ARG A 180 -6.56 -1.36 28.03
C ARG A 180 -6.37 0.05 27.53
N ALA A 181 -7.20 0.95 28.04
CA ALA A 181 -7.16 2.35 27.62
C ALA A 181 -5.84 2.98 28.00
N GLY A 182 -5.33 3.84 27.11
CA GLY A 182 -4.13 4.61 27.38
C GLY A 182 -4.22 5.92 26.62
N THR A 183 -3.32 6.85 26.90
CA THR A 183 -3.34 8.16 26.26
C THR A 183 -2.51 8.12 24.98
N PHE A 184 -3.12 8.58 23.89
CA PHE A 184 -2.43 8.76 22.61
C PHE A 184 -2.53 10.25 22.25
N ARG A 185 -1.41 10.84 21.87
CA ARG A 185 -1.38 12.26 21.48
C ARG A 185 -1.81 12.38 20.01
N THR A 186 -3.09 12.71 19.79
CA THR A 186 -3.64 12.89 18.44
C THR A 186 -3.45 14.35 18.02
N PRO A 187 -3.86 14.71 16.78
CA PRO A 187 -3.77 16.12 16.38
C PRO A 187 -4.78 17.03 17.08
N ARG A 188 -5.85 16.45 17.64
CA ARG A 188 -6.79 17.18 18.45
C ARG A 188 -6.43 17.08 19.94
N GLY A 189 -5.19 16.73 20.24
CA GLY A 189 -4.72 16.60 21.62
C GLY A 189 -4.70 15.17 22.10
N PRO A 190 -4.41 14.98 23.41
CA PRO A 190 -4.40 13.64 23.98
C PRO A 190 -5.79 13.02 23.99
N LYS A 191 -5.88 11.74 23.67
CA LYS A 191 -7.14 11.01 23.68
C LYS A 191 -6.92 9.62 24.26
N ARG A 192 -7.93 9.13 25.00
CA ARG A 192 -7.86 7.79 25.57
C ARG A 192 -8.32 6.78 24.53
N VAL A 193 -7.44 5.83 24.21
CA VAL A 193 -7.71 4.80 23.20
C VAL A 193 -7.24 3.44 23.71
N PRO A 194 -7.84 2.35 23.22
CA PRO A 194 -7.34 1.01 23.55
C PRO A 194 -5.94 0.70 23.01
N PHE A 195 -5.03 0.37 23.92
CA PHE A 195 -3.68 -0.10 23.61
C PHE A 195 -3.62 -1.60 23.84
N MET A 196 -3.08 -2.32 22.87
CA MET A 196 -2.79 -3.74 23.03
C MET A 196 -1.43 -3.85 23.69
N HIS A 197 -1.26 -4.88 24.51
CA HIS A 197 -0.04 -5.04 25.30
C HIS A 197 0.56 -6.44 25.18
N ARG A 198 1.87 -6.48 24.96
CA ARG A 198 2.64 -7.72 24.98
CA ARG A 198 2.63 -7.72 24.96
C ARG A 198 4.07 -7.44 25.41
N THR A 199 4.65 -8.37 26.16
CA THR A 199 6.07 -8.32 26.48
C THR A 199 6.66 -9.60 25.93
N LYS A 200 7.54 -9.46 24.95
CA LYS A 200 8.09 -10.58 24.22
C LYS A 200 9.38 -10.14 23.53
N THR A 201 10.27 -11.10 23.28
CA THR A 201 11.48 -10.83 22.54
CA THR A 201 11.48 -10.83 22.53
C THR A 201 11.12 -10.59 21.06
N MET A 202 11.65 -9.52 20.50
CA MET A 202 11.36 -9.16 19.11
C MET A 202 12.48 -8.27 18.57
N PRO A 203 12.57 -8.15 17.23
CA PRO A 203 13.53 -7.20 16.68
C PRO A 203 13.25 -5.77 17.13
N TYR A 204 14.31 -5.10 17.59
CA TYR A 204 14.23 -3.71 18.02
C TYR A 204 15.45 -2.97 17.50
N ALA A 205 15.24 -1.75 17.02
CA ALA A 205 16.33 -0.93 16.51
C ALA A 205 16.12 0.54 16.84
N THR A 206 17.22 1.28 16.90
CA THR A 206 17.20 2.72 17.00
C THR A 206 18.12 3.29 15.92
N ALA A 207 17.78 4.45 15.39
CA ALA A 207 18.60 5.13 14.39
C ALA A 207 18.26 6.61 14.38
N ARG A 208 19.25 7.45 14.66
CA ARG A 208 19.08 8.90 14.55
C ARG A 208 17.82 9.42 15.26
N GLY A 209 17.55 8.87 16.45
CA GLY A 209 16.40 9.27 17.24
C GLY A 209 15.11 8.51 16.93
N TRP A 210 15.10 7.77 15.82
CA TRP A 210 13.97 6.90 15.50
C TRP A 210 14.09 5.58 16.24
N ARG A 211 12.94 4.96 16.50
CA ARG A 211 12.89 3.67 17.17
C ARG A 211 11.92 2.76 16.41
N MET A 212 12.26 1.47 16.33
CA MET A 212 11.44 0.52 15.58
C MET A 212 11.40 -0.85 16.24
N VAL A 213 10.24 -1.49 16.18
CA VAL A 213 10.13 -2.94 16.46
C VAL A 213 9.52 -3.64 15.25
N THR A 214 9.73 -4.95 15.16
CA THR A 214 9.15 -5.74 14.08
C THR A 214 8.27 -6.84 14.69
N LEU A 215 7.00 -6.86 14.28
CA LEU A 215 6.06 -7.89 14.69
C LEU A 215 6.00 -8.97 13.62
N HIS A 216 6.18 -10.23 14.02
CA HIS A 216 6.10 -11.34 13.08
C HIS A 216 4.67 -11.84 12.96
N ALA A 217 4.24 -12.08 11.73
CA ALA A 217 2.92 -12.61 11.47
C ALA A 217 3.04 -13.88 10.62
N HIS A 218 1.94 -14.62 10.55
CA HIS A 218 1.91 -15.86 9.77
C HIS A 218 2.06 -15.58 8.29
N ASP A 219 2.41 -16.62 7.54
CA ASP A 219 2.53 -16.55 6.09
C ASP A 219 3.50 -15.47 5.64
N GLU A 220 4.66 -15.42 6.30
CA GLU A 220 5.80 -14.60 5.89
C GLU A 220 5.56 -13.09 5.89
N LEU A 221 4.60 -12.64 6.70
CA LEU A 221 4.29 -11.23 6.82
CA LEU A 221 4.29 -11.22 6.80
C LEU A 221 5.04 -10.64 8.00
N ALA A 222 5.70 -9.50 7.80
CA ALA A 222 6.39 -8.80 8.88
C ALA A 222 5.84 -7.38 8.95
N VAL A 223 5.67 -6.87 10.16
CA VAL A 223 5.14 -5.52 10.34
C VAL A 223 6.10 -4.70 11.22
N ASP A 224 6.77 -3.73 10.60
CA ASP A 224 7.63 -2.82 11.33
C ASP A 224 6.79 -1.67 11.84
N VAL A 225 7.03 -1.27 13.10
CA VAL A 225 6.34 -0.13 13.69
C VAL A 225 7.43 0.87 14.08
N LEU A 226 7.29 2.11 13.62
CA LEU A 226 8.34 3.12 13.76
C LEU A 226 7.82 4.33 14.50
N LEU A 227 8.59 4.78 15.48
CA LEU A 227 8.32 6.02 16.20
C LEU A 227 9.42 7.05 15.87
N PRO A 228 9.02 8.23 15.39
CA PRO A 228 10.00 9.28 15.14
C PRO A 228 10.57 9.84 16.44
N PRO A 229 11.60 10.70 16.35
CA PRO A 229 12.08 11.35 17.56
C PRO A 229 10.97 12.17 18.22
N GLY A 230 10.93 12.17 19.55
CA GLY A 230 9.96 12.95 20.31
C GLY A 230 10.02 14.44 20.03
N THR A 231 11.20 14.93 19.64
CA THR A 231 11.38 16.33 19.29
C THR A 231 10.92 16.66 17.86
N ASN A 232 10.57 15.63 17.09
CA ASN A 232 10.02 15.84 15.75
C ASN A 232 8.97 14.78 15.46
N ALA A 233 7.87 14.89 16.20
CA ALA A 233 6.83 13.86 16.24
C ALA A 233 6.07 13.68 14.92
N ALA A 234 6.13 14.69 14.06
CA ALA A 234 5.46 14.65 12.75
C ALA A 234 6.40 14.24 11.61
N ALA A 235 7.62 13.81 11.95
CA ALA A 235 8.60 13.42 10.94
C ALA A 235 8.13 12.21 10.15
N VAL A 236 8.59 12.14 8.91
CA VAL A 236 8.25 11.04 8.00
C VAL A 236 9.51 10.25 7.69
N PRO A 237 9.41 8.91 7.68
CA PRO A 237 10.61 8.10 7.46
C PRO A 237 11.15 8.23 6.04
N THR A 238 12.42 7.86 5.88
CA THR A 238 13.09 7.88 4.59
C THR A 238 13.64 6.48 4.30
N ALA A 239 14.01 6.23 3.05
CA ALA A 239 14.61 4.96 2.69
C ALA A 239 15.90 4.64 3.47
N PRO A 240 16.86 5.60 3.51
CA PRO A 240 18.07 5.34 4.31
C PRO A 240 17.79 5.01 5.79
N LEU A 241 16.80 5.67 6.39
CA LEU A 241 16.43 5.38 7.77
C LEU A 241 15.91 3.95 7.93
N LEU A 242 15.03 3.52 7.02
CA LEU A 242 14.50 2.16 7.08
CA LEU A 242 14.49 2.15 7.06
C LEU A 242 15.62 1.13 6.94
N THR A 243 16.54 1.38 6.02
CA THR A 243 17.68 0.50 5.80
C THR A 243 18.52 0.40 7.08
N ALA A 244 18.80 1.54 7.70
CA ALA A 244 19.56 1.58 8.94
C ALA A 244 18.87 0.83 10.07
N LEU A 245 17.58 1.08 10.24
CA LEU A 245 16.80 0.43 11.29
C LEU A 245 16.76 -1.08 11.12
N HIS A 246 16.64 -1.54 9.87
CA HIS A 246 16.67 -2.96 9.62
C HIS A 246 18.04 -3.55 9.97
N ARG A 247 19.08 -2.91 9.44
CA ARG A 247 20.45 -3.37 9.68
C ARG A 247 20.77 -3.43 11.17
N ARG A 248 20.29 -2.45 11.92
CA ARG A 248 20.59 -2.33 13.35
C ARG A 248 19.62 -3.06 14.26
N SER A 249 18.69 -3.84 13.68
CA SER A 249 17.72 -4.60 14.47
C SER A 249 18.41 -5.74 15.22
N ALA A 250 18.00 -5.93 16.48
CA ALA A 250 18.51 -7.00 17.32
C ALA A 250 17.40 -7.53 18.20
N SER A 251 17.43 -8.85 18.45
CA SER A 251 16.42 -9.47 19.30
C SER A 251 16.50 -8.89 20.71
N THR A 252 15.38 -8.35 21.16
CA THR A 252 15.33 -7.57 22.39
C THR A 252 14.03 -7.84 23.12
N SER A 253 14.08 -7.97 24.45
CA SER A 253 12.85 -8.06 25.24
C SER A 253 12.20 -6.69 25.24
N VAL A 254 11.00 -6.60 24.68
CA VAL A 254 10.30 -5.33 24.53
C VAL A 254 8.92 -5.39 25.16
N GLU A 255 8.62 -4.41 26.01
CA GLU A 255 7.29 -4.20 26.55
CA GLU A 255 7.29 -4.19 26.56
C GLU A 255 6.56 -3.28 25.58
N LEU A 256 5.73 -3.87 24.73
CA LEU A 256 5.07 -3.15 23.64
C LEU A 256 3.66 -2.71 23.99
N ALA A 257 3.37 -1.43 23.78
CA ALA A 257 2.01 -0.90 23.85
C ALA A 257 1.65 -0.34 22.48
N LEU A 258 0.65 -0.94 21.83
CA LEU A 258 0.30 -0.62 20.45
C LEU A 258 -1.20 -0.42 20.29
N PRO A 259 -1.62 0.78 19.86
CA PRO A 259 -3.06 0.96 19.66
C PRO A 259 -3.66 -0.04 18.67
N ARG A 260 -4.86 -0.52 18.98
CA ARG A 260 -5.65 -1.27 18.03
C ARG A 260 -6.19 -0.28 17.02
N PHE A 261 -5.97 -0.52 15.74
CA PHE A 261 -6.39 0.46 14.73
C PHE A 261 -6.71 -0.13 13.37
N GLU A 262 -7.47 0.63 12.60
CA GLU A 262 -7.80 0.30 11.22
C GLU A 262 -7.84 1.58 10.43
N LEU A 263 -7.27 1.56 9.22
CA LEU A 263 -7.30 2.73 8.36
C LEU A 263 -7.44 2.34 6.89
N THR A 264 -8.28 3.10 6.19
CA THR A 264 -8.36 3.02 4.74
C THR A 264 -8.58 4.42 4.17
N GLN A 265 -8.09 4.64 2.95
CA GLN A 265 -8.18 5.93 2.27
C GLN A 265 -8.20 5.71 0.77
N PRO A 266 -9.20 6.27 0.05
CA PRO A 266 -9.09 6.25 -1.40
C PRO A 266 -8.08 7.30 -1.85
N HIS A 267 -7.28 6.97 -2.85
CA HIS A 267 -6.33 7.92 -3.42
C HIS A 267 -6.47 7.94 -4.93
N GLN A 268 -6.70 9.13 -5.48
CA GLN A 268 -6.44 9.36 -6.89
C GLN A 268 -4.99 9.78 -7.02
N LEU A 269 -4.22 9.05 -7.84
CA LEU A 269 -2.76 9.18 -7.84
C LEU A 269 -2.20 10.05 -8.95
N VAL A 270 -3.06 10.69 -9.72
CA VAL A 270 -2.58 11.51 -10.84
C VAL A 270 -1.69 12.65 -10.35
N GLU A 271 -2.17 13.40 -9.37
CA GLU A 271 -1.43 14.58 -8.87
C GLU A 271 -0.05 14.21 -8.33
N VAL A 272 -0.01 13.23 -7.43
CA VAL A 272 1.25 12.84 -6.79
C VAL A 272 2.22 12.19 -7.78
N LEU A 273 1.70 11.43 -8.74
CA LEU A 273 2.55 10.82 -9.76
C LEU A 273 3.14 11.89 -10.69
N ALA A 274 2.37 12.94 -10.96
CA ALA A 274 2.85 14.10 -11.74
C ALA A 274 4.02 14.77 -11.02
N GLU A 275 3.85 15.03 -9.73
CA GLU A 275 4.92 15.56 -8.88
C GLU A 275 6.15 14.65 -8.92
N ALA A 276 5.91 13.34 -8.97
CA ALA A 276 6.98 12.34 -8.98
C ALA A 276 7.70 12.21 -10.32
N GLY A 277 7.09 12.72 -11.39
CA GLY A 277 7.71 12.68 -12.72
C GLY A 277 6.93 11.92 -13.78
N VAL A 278 5.85 11.25 -13.38
CA VAL A 278 5.00 10.52 -14.31
C VAL A 278 3.83 11.43 -14.70
N ARG A 279 3.93 12.00 -15.90
CA ARG A 279 2.98 13.00 -16.37
CA ARG A 279 2.96 13.00 -16.37
C ARG A 279 2.33 12.61 -17.70
N THR A 280 3.17 12.30 -18.69
CA THR A 280 2.70 12.02 -20.05
C THR A 280 1.62 10.95 -20.10
N LEU A 281 1.73 9.93 -19.24
CA LEU A 281 0.75 8.85 -19.13
C LEU A 281 -0.70 9.30 -19.04
N PHE A 282 -0.95 10.42 -18.36
CA PHE A 282 -2.30 10.92 -18.11
C PHE A 282 -2.73 12.05 -19.05
N THR A 283 -1.99 12.21 -20.15
CA THR A 283 -2.28 13.24 -21.15
C THR A 283 -2.39 12.65 -22.54
N ALA A 284 -2.94 13.42 -23.46
CA ALA A 284 -3.09 12.98 -24.85
C ALA A 284 -1.76 12.70 -25.54
N SER A 285 -0.66 13.19 -24.96
CA SER A 285 0.68 12.91 -25.46
C SER A 285 1.15 11.49 -25.12
N ALA A 286 0.40 10.77 -24.28
CA ALA A 286 0.76 9.39 -23.90
C ALA A 286 0.98 8.49 -25.10
N ASP A 287 2.00 7.66 -25.03
CA ASP A 287 2.23 6.60 -26.00
C ASP A 287 2.02 5.27 -25.30
N LEU A 288 0.86 4.67 -25.52
CA LEU A 288 0.51 3.38 -24.95
C LEU A 288 0.27 2.38 -26.07
N SER A 289 1.20 2.39 -27.04
CA SER A 289 1.12 1.52 -28.21
C SER A 289 1.05 0.04 -27.84
N GLY A 290 1.63 -0.33 -26.70
CA GLY A 290 1.60 -1.70 -26.23
C GLY A 290 0.26 -2.12 -25.66
N ILE A 291 -0.58 -1.15 -25.30
CA ILE A 291 -1.91 -1.43 -24.78
C ILE A 291 -2.96 -1.48 -25.90
N SER A 292 -2.96 -0.46 -26.75
CA SER A 292 -3.97 -0.34 -27.79
C SER A 292 -3.38 0.08 -29.14
N THR A 293 -4.10 -0.29 -30.20
CA THR A 293 -3.74 0.10 -31.57
C THR A 293 -4.30 1.47 -31.95
N VAL A 294 -5.15 2.06 -31.12
CA VAL A 294 -5.61 3.44 -31.32
CA VAL A 294 -5.61 3.44 -31.32
C VAL A 294 -5.00 4.32 -30.23
N PRO A 295 -4.93 5.64 -30.46
CA PRO A 295 -4.39 6.50 -29.43
C PRO A 295 -5.15 6.34 -28.12
N LEU A 296 -4.42 6.38 -27.02
CA LEU A 296 -5.01 6.15 -25.70
C LEU A 296 -4.11 6.74 -24.64
N TYR A 297 -4.74 7.29 -23.60
CA TYR A 297 -4.03 7.64 -22.39
C TYR A 297 -4.89 7.24 -21.21
N VAL A 298 -4.26 7.12 -20.03
CA VAL A 298 -4.98 6.72 -18.83
C VAL A 298 -5.58 7.98 -18.23
N ASP A 299 -6.90 7.99 -18.04
CA ASP A 299 -7.57 9.12 -17.42
C ASP A 299 -7.17 9.28 -15.96
N THR A 300 -7.15 8.16 -15.23
CA THR A 300 -6.76 8.19 -13.82
C THR A 300 -6.36 6.81 -13.29
N VAL A 301 -5.72 6.83 -12.14
CA VAL A 301 -5.40 5.65 -11.36
C VAL A 301 -5.97 5.90 -9.97
N ILE A 302 -6.87 5.03 -9.53
CA ILE A 302 -7.47 5.16 -8.20
C ILE A 302 -7.15 3.90 -7.39
N HIS A 303 -6.60 4.11 -6.19
CA HIS A 303 -6.09 3.05 -5.35
C HIS A 303 -6.63 3.19 -3.94
N GLN A 304 -6.95 2.07 -3.29
CA GLN A 304 -7.38 2.09 -1.91
C GLN A 304 -6.86 0.86 -1.17
N ALA A 305 -6.14 1.10 -0.10
CA ALA A 305 -5.65 0.03 0.78
C ALA A 305 -6.41 0.12 2.09
N ARG A 306 -6.72 -1.03 2.68
CA ARG A 306 -7.32 -1.08 4.00
C ARG A 306 -6.56 -2.09 4.85
N LEU A 307 -6.11 -1.65 6.02
CA LEU A 307 -5.34 -2.49 6.94
C LEU A 307 -5.96 -2.43 8.31
N ARG A 308 -6.16 -3.60 8.91
CA ARG A 308 -6.64 -3.70 10.28
C ARG A 308 -5.56 -4.32 11.15
N VAL A 309 -5.28 -3.67 12.28
CA VAL A 309 -4.30 -4.14 13.26
C VAL A 309 -4.99 -4.34 14.60
N ASP A 310 -5.13 -5.60 15.00
CA ASP A 310 -5.78 -5.94 16.26
C ASP A 310 -5.03 -7.09 16.94
N GLU A 311 -5.66 -7.73 17.93
CA GLU A 311 -4.95 -8.69 18.78
C GLU A 311 -4.59 -10.00 18.12
N ARG A 312 -5.42 -10.46 17.20
CA ARG A 312 -5.22 -11.77 16.58
C ARG A 312 -5.03 -11.72 15.08
N GLY A 313 -5.83 -10.89 14.41
CA GLY A 313 -5.83 -10.87 12.95
C GLY A 313 -6.58 -12.05 12.35
N ALA A 314 -7.60 -12.54 13.07
CA ALA A 314 -8.38 -13.69 12.62
N ARG A 334 16.09 -6.22 31.69
CA ARG A 334 16.64 -5.74 30.43
C ARG A 334 15.55 -5.59 29.37
N THR A 335 14.35 -5.22 29.81
CA THR A 335 13.20 -5.05 28.92
C THR A 335 13.09 -3.58 28.52
N ILE A 336 12.99 -3.33 27.21
CA ILE A 336 12.83 -2.00 26.65
C ILE A 336 11.34 -1.68 26.53
N ARG A 337 10.95 -0.48 26.93
CA ARG A 337 9.58 -0.02 26.79
C ARG A 337 9.41 0.66 25.43
N PHE A 338 8.41 0.20 24.67
CA PHE A 338 8.11 0.76 23.36
C PHE A 338 6.61 1.07 23.33
N SER A 339 6.28 2.31 23.67
CA SER A 339 4.88 2.75 23.76
CA SER A 339 4.88 2.75 23.76
C SER A 339 4.54 3.61 22.56
N VAL A 340 3.64 3.10 21.72
CA VAL A 340 3.27 3.79 20.48
C VAL A 340 2.12 4.75 20.80
N ASP A 341 2.47 5.86 21.45
CA ASP A 341 1.49 6.76 22.05
C ASP A 341 1.45 8.15 21.41
N ARG A 342 1.96 8.23 20.19
CA ARG A 342 1.93 9.45 19.39
C ARG A 342 2.11 9.00 17.93
N PRO A 343 1.99 9.92 16.96
CA PRO A 343 2.02 9.49 15.56
C PRO A 343 3.16 8.53 15.22
N PHE A 344 2.84 7.51 14.44
CA PHE A 344 3.78 6.44 14.17
C PHE A 344 3.66 6.01 12.72
N HIS A 345 4.52 5.09 12.31
CA HIS A 345 4.53 4.61 10.93
C HIS A 345 4.56 3.10 10.94
N ILE A 346 3.95 2.51 9.92
CA ILE A 346 3.88 1.07 9.82
CA ILE A 346 3.81 1.07 9.79
C ILE A 346 4.34 0.63 8.43
N VAL A 347 5.15 -0.42 8.41
CA VAL A 347 5.64 -1.00 7.16
C VAL A 347 5.28 -2.50 7.18
N VAL A 348 4.28 -2.87 6.38
CA VAL A 348 3.88 -4.26 6.26
C VAL A 348 4.57 -4.80 5.03
N ARG A 349 5.47 -5.76 5.21
CA ARG A 349 6.26 -6.26 4.10
C ARG A 349 6.24 -7.76 3.99
N ARG A 350 6.48 -8.23 2.78
CA ARG A 350 6.49 -9.65 2.48
C ARG A 350 7.32 -9.87 1.23
N ARG A 351 8.30 -10.77 1.34
CA ARG A 351 9.10 -11.22 0.20
C ARG A 351 9.64 -10.09 -0.69
N GLY A 352 10.20 -9.09 -0.05
CA GLY A 352 10.90 -8.01 -0.77
C GLY A 352 10.05 -6.82 -1.16
N ALA A 353 8.75 -6.86 -0.87
CA ALA A 353 7.84 -5.76 -1.20
C ALA A 353 7.16 -5.20 0.05
N ILE A 354 6.77 -3.93 -0.02
CA ILE A 354 5.95 -3.33 1.02
C ILE A 354 4.48 -3.45 0.60
N LEU A 355 3.73 -4.27 1.32
CA LEU A 355 2.32 -4.45 1.04
C LEU A 355 1.49 -3.26 1.51
N PHE A 356 1.85 -2.72 2.67
CA PHE A 356 1.20 -1.53 3.22
C PHE A 356 2.23 -0.59 3.80
N LEU A 357 2.09 0.69 3.49
CA LEU A 357 2.94 1.73 4.07
C LEU A 357 2.00 2.75 4.69
N GLY A 358 2.13 2.96 6.00
CA GLY A 358 1.21 3.83 6.71
C GLY A 358 1.87 4.81 7.65
N SER A 359 1.28 5.99 7.73
CA SER A 359 1.60 6.97 8.76
C SER A 359 0.29 7.27 9.46
N ILE A 360 0.27 7.02 10.78
CA ILE A 360 -0.96 7.07 11.57
C ILE A 360 -0.85 8.18 12.59
N ALA A 361 -1.78 9.14 12.53
CA ALA A 361 -1.80 10.27 13.44
C ALA A 361 -2.94 10.19 14.45
N ASP A 362 -4.03 9.51 14.07
CA ASP A 362 -5.24 9.49 14.88
C ASP A 362 -5.89 8.10 14.78
N PRO A 363 -5.39 7.14 15.57
CA PRO A 363 -5.79 5.74 15.39
C PRO A 363 -7.28 5.52 15.66
N HIS A 364 -7.95 4.92 14.70
CA HIS A 364 -9.37 4.59 14.82
C HIS A 364 -9.53 3.12 15.23
N ASP A 365 -10.22 2.90 16.33
CA ASP A 365 -10.36 1.56 16.89
C ASP A 365 -11.46 0.77 16.17
N PRO A 366 -11.10 -0.37 15.55
CA PRO A 366 -12.11 -1.24 14.93
C PRO A 366 -12.91 -2.05 15.95
N GLY A 367 -12.40 -2.11 17.19
CA GLY A 367 -13.13 -2.76 18.27
C GLY A 367 -12.64 -4.18 18.55
N PRO A 368 -13.18 -4.80 19.61
CA PRO A 368 -12.78 -6.14 19.99
C PRO A 368 -13.31 -7.24 19.07
N ALA A 369 -14.40 -6.95 18.34
CA ALA A 369 -15.00 -7.93 17.43
C ALA A 369 -14.55 -7.70 16.00
#